data_1GDR
# 
_entry.id   1GDR 
# 
_audit_conform.dict_name       mmcif_pdbx.dic 
_audit_conform.dict_version    5.385 
_audit_conform.dict_location   http://mmcif.pdb.org/dictionaries/ascii/mmcif_pdbx.dic 
# 
loop_
_database_2.database_id 
_database_2.database_code 
_database_2.pdbx_database_accession 
_database_2.pdbx_DOI 
PDB   1GDR         pdb_00001gdr 10.2210/pdb1gdr/pdb 
WWPDB D_1000173537 ?            ?                   
# 
loop_
_pdbx_audit_revision_history.ordinal 
_pdbx_audit_revision_history.data_content_type 
_pdbx_audit_revision_history.major_revision 
_pdbx_audit_revision_history.minor_revision 
_pdbx_audit_revision_history.revision_date 
1 'Structure model' 1 0 1994-04-30 
2 'Structure model' 1 1 2008-03-24 
3 'Structure model' 1 2 2011-07-13 
4 'Structure model' 1 3 2024-02-07 
# 
_pdbx_audit_revision_details.ordinal             1 
_pdbx_audit_revision_details.revision_ordinal    1 
_pdbx_audit_revision_details.data_content_type   'Structure model' 
_pdbx_audit_revision_details.provider            repository 
_pdbx_audit_revision_details.type                'Initial release' 
_pdbx_audit_revision_details.description         ? 
_pdbx_audit_revision_details.details             ? 
# 
loop_
_pdbx_audit_revision_group.ordinal 
_pdbx_audit_revision_group.revision_ordinal 
_pdbx_audit_revision_group.data_content_type 
_pdbx_audit_revision_group.group 
1 2 'Structure model' 'Version format compliance' 
2 3 'Structure model' 'Version format compliance' 
3 4 'Structure model' 'Data collection'           
4 4 'Structure model' 'Database references'       
5 4 'Structure model' 'Derived calculations'      
6 4 'Structure model' Other                       
# 
loop_
_pdbx_audit_revision_category.ordinal 
_pdbx_audit_revision_category.revision_ordinal 
_pdbx_audit_revision_category.data_content_type 
_pdbx_audit_revision_category.category 
1 4 'Structure model' chem_comp_atom       
2 4 'Structure model' chem_comp_bond       
3 4 'Structure model' database_2           
4 4 'Structure model' pdbx_database_status 
5 4 'Structure model' struct_sheet         
# 
loop_
_pdbx_audit_revision_item.ordinal 
_pdbx_audit_revision_item.revision_ordinal 
_pdbx_audit_revision_item.data_content_type 
_pdbx_audit_revision_item.item 
1 4 'Structure model' '_database_2.pdbx_DOI'                
2 4 'Structure model' '_database_2.pdbx_database_accession' 
3 4 'Structure model' '_pdbx_database_status.process_site'  
4 4 'Structure model' '_struct_sheet.number_strands'        
# 
_pdbx_database_status.status_code                     REL 
_pdbx_database_status.entry_id                        1GDR 
_pdbx_database_status.recvd_initial_deposition_date   1993-08-31 
_pdbx_database_status.deposit_site                    ? 
_pdbx_database_status.process_site                    BNL 
_pdbx_database_status.status_code_sf                  REL 
_pdbx_database_status.status_code_mr                  ? 
_pdbx_database_status.SG_entry                        ? 
_pdbx_database_status.pdb_format_compatible           Y 
_pdbx_database_status.status_code_cs                  ? 
_pdbx_database_status.status_code_nmr_data            ? 
_pdbx_database_status.methods_development_category    ? 
# 
loop_
_audit_author.name 
_audit_author.pdbx_ordinal 
'Rice, P.A.'   1 
'Steitz, T.A.' 2 
# 
loop_
_citation.id 
_citation.title 
_citation.journal_abbrev 
_citation.journal_volume 
_citation.page_first 
_citation.page_last 
_citation.year 
_citation.journal_id_ASTM 
_citation.country 
_citation.journal_id_ISSN 
_citation.journal_id_CSD 
_citation.book_publisher 
_citation.pdbx_database_id_PubMed 
_citation.pdbx_database_id_DOI 
primary 'Model for a DNA-mediated synaptic complex suggested by crystal packing of gamma delta resolvase subunits.'              
'EMBO J.'               13  1514  1524 1994 EMJODG UK 0261-4189 0897 ? 8156989 ? 
1       'The Crystal Structure of the Catalytic Domain of the Site Specific Recombination Enzyme Gd Resolvase at 2.7 Resolution' 
'Cell(Cambridge,Mass.)' 63  1323  ?    1990 CELLB5 US 0092-8674 0998 ? ?       ? 
2       'Preliminary X-Ray Diffraction Studies of the Putative Catalytic Domain of Gd Resolvase from Escherichia Coli'           
J.Biol.Chem.            261 15934 ?    1986 JBCHA3 US 0021-9258 0071 ? ?       ? 
3       'Cleavage of the Site-Specific Recombination Protein Gd Resolvase: The Smaller of Two Fragments Binds DNA Specifically'  
Proc.Natl.Acad.Sci.USA  81  2001  ?    1984 PNASA6 US 0027-8424 0040 ? ?       ? 
4       'Crystallization of Resolvase, a Repressor that Also Catalyzes Site-Specific DNA Recombination'                          
J.Mol.Biol.             157 689   ?    1982 JMOBAK UK 0022-2836 0070 ? ?       ? 
# 
loop_
_citation_author.citation_id 
_citation_author.name 
_citation_author.ordinal 
_citation_author.identifier_ORCID 
primary 'Rice, P.A.'         1  ? 
primary 'Steitz, T.A.'       2  ? 
1       'Sanderson, M.R.'    3  ? 
1       'Freemont, P.S.'     4  ? 
1       'Rice, P.A.'         5  ? 
1       'Goldman, A.'        6  ? 
1       'Hatfull, G.F.'      7  ? 
1       'Grindley, N.D.F.'   8  ? 
2       'Abdel-Meguid, S.S.' 9  ? 
2       'Murthy, H.M.K.'     10 ? 
2       'Steitz, T.A.'       11 ? 
3       'Abdel-Muguid, S.S.' 12 ? 
3       'Grindley, N.D.F.'   13 ? 
3       'Templeton, N.S.'    14 ? 
3       'Steitz, T.A.'       15 ? 
4       'Weber, P.C.'        16 ? 
4       'Ollis, D.L.'        17 ? 
4       'Bebrin, W.R.'       18 ? 
4       'Abdel-Meguid, S.S.' 19 ? 
4       'Steitz, T.A.'       20 ? 
# 
_entity.id                         1 
_entity.type                       polymer 
_entity.src_method                 man 
_entity.pdbx_description           'GAMMA DELTA-RESOLVASE' 
_entity.formula_weight             15515.833 
_entity.pdbx_number_of_molecules   1 
_entity.pdbx_ec                    ? 
_entity.pdbx_mutation              ? 
_entity.pdbx_fragment              ? 
_entity.details                    ? 
# 
_entity_poly.entity_id                      1 
_entity_poly.type                           'polypeptide(L)' 
_entity_poly.nstd_linkage                   no 
_entity_poly.nstd_monomer                   no 
_entity_poly.pdbx_seq_one_letter_code       
;MRLFGYARVSTSQQSLDIQVRALKDAGVKANRIFTDKASGSSSDRKGLDLLRMKVEEGDVILVKKLDRLGRDTADMIQLI
KEFDAQGVSIRFIDDGISTDGEMGKMVVTILSAVAQAERQRILERTNEGRQEAMAKGVVF
;
_entity_poly.pdbx_seq_one_letter_code_can   
;MRLFGYARVSTSQQSLDIQVRALKDAGVKANRIFTDKASGSSSDRKGLDLLRMKVEEGDVILVKKLDRLGRDTADMIQLI
KEFDAQGVSIRFIDDGISTDGEMGKMVVTILSAVAQAERQRILERTNEGRQEAMAKGVVF
;
_entity_poly.pdbx_strand_id                 A 
_entity_poly.pdbx_target_identifier         ? 
# 
loop_
_entity_poly_seq.entity_id 
_entity_poly_seq.num 
_entity_poly_seq.mon_id 
_entity_poly_seq.hetero 
1 1   MET n 
1 2   ARG n 
1 3   LEU n 
1 4   PHE n 
1 5   GLY n 
1 6   TYR n 
1 7   ALA n 
1 8   ARG n 
1 9   VAL n 
1 10  SER n 
1 11  THR n 
1 12  SER n 
1 13  GLN n 
1 14  GLN n 
1 15  SER n 
1 16  LEU n 
1 17  ASP n 
1 18  ILE n 
1 19  GLN n 
1 20  VAL n 
1 21  ARG n 
1 22  ALA n 
1 23  LEU n 
1 24  LYS n 
1 25  ASP n 
1 26  ALA n 
1 27  GLY n 
1 28  VAL n 
1 29  LYS n 
1 30  ALA n 
1 31  ASN n 
1 32  ARG n 
1 33  ILE n 
1 34  PHE n 
1 35  THR n 
1 36  ASP n 
1 37  LYS n 
1 38  ALA n 
1 39  SER n 
1 40  GLY n 
1 41  SER n 
1 42  SER n 
1 43  SER n 
1 44  ASP n 
1 45  ARG n 
1 46  LYS n 
1 47  GLY n 
1 48  LEU n 
1 49  ASP n 
1 50  LEU n 
1 51  LEU n 
1 52  ARG n 
1 53  MET n 
1 54  LYS n 
1 55  VAL n 
1 56  GLU n 
1 57  GLU n 
1 58  GLY n 
1 59  ASP n 
1 60  VAL n 
1 61  ILE n 
1 62  LEU n 
1 63  VAL n 
1 64  LYS n 
1 65  LYS n 
1 66  LEU n 
1 67  ASP n 
1 68  ARG n 
1 69  LEU n 
1 70  GLY n 
1 71  ARG n 
1 72  ASP n 
1 73  THR n 
1 74  ALA n 
1 75  ASP n 
1 76  MET n 
1 77  ILE n 
1 78  GLN n 
1 79  LEU n 
1 80  ILE n 
1 81  LYS n 
1 82  GLU n 
1 83  PHE n 
1 84  ASP n 
1 85  ALA n 
1 86  GLN n 
1 87  GLY n 
1 88  VAL n 
1 89  SER n 
1 90  ILE n 
1 91  ARG n 
1 92  PHE n 
1 93  ILE n 
1 94  ASP n 
1 95  ASP n 
1 96  GLY n 
1 97  ILE n 
1 98  SER n 
1 99  THR n 
1 100 ASP n 
1 101 GLY n 
1 102 GLU n 
1 103 MET n 
1 104 GLY n 
1 105 LYS n 
1 106 MET n 
1 107 VAL n 
1 108 VAL n 
1 109 THR n 
1 110 ILE n 
1 111 LEU n 
1 112 SER n 
1 113 ALA n 
1 114 VAL n 
1 115 ALA n 
1 116 GLN n 
1 117 ALA n 
1 118 GLU n 
1 119 ARG n 
1 120 GLN n 
1 121 ARG n 
1 122 ILE n 
1 123 LEU n 
1 124 GLU n 
1 125 ARG n 
1 126 THR n 
1 127 ASN n 
1 128 GLU n 
1 129 GLY n 
1 130 ARG n 
1 131 GLN n 
1 132 GLU n 
1 133 ALA n 
1 134 MET n 
1 135 ALA n 
1 136 LYS n 
1 137 GLY n 
1 138 VAL n 
1 139 VAL n 
1 140 PHE n 
# 
_entity_src_gen.entity_id                          1 
_entity_src_gen.pdbx_src_id                        1 
_entity_src_gen.pdbx_alt_source_flag               sample 
_entity_src_gen.pdbx_seq_type                      ? 
_entity_src_gen.pdbx_beg_seq_num                   ? 
_entity_src_gen.pdbx_end_seq_num                   ? 
_entity_src_gen.gene_src_common_name               ? 
_entity_src_gen.gene_src_genus                     Escherichia 
_entity_src_gen.pdbx_gene_src_gene                 ? 
_entity_src_gen.gene_src_species                   ? 
_entity_src_gen.gene_src_strain                    ? 
_entity_src_gen.gene_src_tissue                    ? 
_entity_src_gen.gene_src_tissue_fraction           ? 
_entity_src_gen.gene_src_details                   ? 
_entity_src_gen.pdbx_gene_src_fragment             ? 
_entity_src_gen.pdbx_gene_src_scientific_name      'Escherichia coli' 
_entity_src_gen.pdbx_gene_src_ncbi_taxonomy_id     562 
_entity_src_gen.pdbx_gene_src_variant              ? 
_entity_src_gen.pdbx_gene_src_cell_line            ? 
_entity_src_gen.pdbx_gene_src_atcc                 ? 
_entity_src_gen.pdbx_gene_src_organ                ? 
_entity_src_gen.pdbx_gene_src_organelle            ? 
_entity_src_gen.pdbx_gene_src_cell                 ? 
_entity_src_gen.pdbx_gene_src_cellular_location    ? 
_entity_src_gen.host_org_common_name               ? 
_entity_src_gen.pdbx_host_org_scientific_name      ? 
_entity_src_gen.pdbx_host_org_ncbi_taxonomy_id     ? 
_entity_src_gen.host_org_genus                     ? 
_entity_src_gen.pdbx_host_org_gene                 ? 
_entity_src_gen.pdbx_host_org_organ                ? 
_entity_src_gen.host_org_species                   ? 
_entity_src_gen.pdbx_host_org_tissue               ? 
_entity_src_gen.pdbx_host_org_tissue_fraction      ? 
_entity_src_gen.pdbx_host_org_strain               ? 
_entity_src_gen.pdbx_host_org_variant              ? 
_entity_src_gen.pdbx_host_org_cell_line            ? 
_entity_src_gen.pdbx_host_org_atcc                 ? 
_entity_src_gen.pdbx_host_org_culture_collection   ? 
_entity_src_gen.pdbx_host_org_cell                 ? 
_entity_src_gen.pdbx_host_org_organelle            ? 
_entity_src_gen.pdbx_host_org_cellular_location    ? 
_entity_src_gen.pdbx_host_org_vector_type          ? 
_entity_src_gen.pdbx_host_org_vector               ? 
_entity_src_gen.host_org_details                   ? 
_entity_src_gen.expression_system_id               ? 
_entity_src_gen.plasmid_name                       ? 
_entity_src_gen.plasmid_details                    ? 
_entity_src_gen.pdbx_description                   ? 
# 
loop_
_chem_comp.id 
_chem_comp.type 
_chem_comp.mon_nstd_flag 
_chem_comp.name 
_chem_comp.pdbx_synonyms 
_chem_comp.formula 
_chem_comp.formula_weight 
ALA 'L-peptide linking' y ALANINE         ? 'C3 H7 N O2'     89.093  
ARG 'L-peptide linking' y ARGININE        ? 'C6 H15 N4 O2 1' 175.209 
ASN 'L-peptide linking' y ASPARAGINE      ? 'C4 H8 N2 O3'    132.118 
ASP 'L-peptide linking' y 'ASPARTIC ACID' ? 'C4 H7 N O4'     133.103 
GLN 'L-peptide linking' y GLUTAMINE       ? 'C5 H10 N2 O3'   146.144 
GLU 'L-peptide linking' y 'GLUTAMIC ACID' ? 'C5 H9 N O4'     147.129 
GLY 'peptide linking'   y GLYCINE         ? 'C2 H5 N O2'     75.067  
ILE 'L-peptide linking' y ISOLEUCINE      ? 'C6 H13 N O2'    131.173 
LEU 'L-peptide linking' y LEUCINE         ? 'C6 H13 N O2'    131.173 
LYS 'L-peptide linking' y LYSINE          ? 'C6 H15 N2 O2 1' 147.195 
MET 'L-peptide linking' y METHIONINE      ? 'C5 H11 N O2 S'  149.211 
PHE 'L-peptide linking' y PHENYLALANINE   ? 'C9 H11 N O2'    165.189 
SER 'L-peptide linking' y SERINE          ? 'C3 H7 N O3'     105.093 
THR 'L-peptide linking' y THREONINE       ? 'C4 H9 N O3'     119.119 
TYR 'L-peptide linking' y TYROSINE        ? 'C9 H11 N O3'    181.189 
VAL 'L-peptide linking' y VALINE          ? 'C5 H11 N O2'    117.146 
# 
loop_
_pdbx_poly_seq_scheme.asym_id 
_pdbx_poly_seq_scheme.entity_id 
_pdbx_poly_seq_scheme.seq_id 
_pdbx_poly_seq_scheme.mon_id 
_pdbx_poly_seq_scheme.ndb_seq_num 
_pdbx_poly_seq_scheme.pdb_seq_num 
_pdbx_poly_seq_scheme.auth_seq_num 
_pdbx_poly_seq_scheme.pdb_mon_id 
_pdbx_poly_seq_scheme.auth_mon_id 
_pdbx_poly_seq_scheme.pdb_strand_id 
_pdbx_poly_seq_scheme.pdb_ins_code 
_pdbx_poly_seq_scheme.hetero 
A 1 1   MET 1   1   1   MET MET A . n 
A 1 2   ARG 2   2   2   ARG ARG A . n 
A 1 3   LEU 3   3   3   LEU LEU A . n 
A 1 4   PHE 4   4   4   PHE PHE A . n 
A 1 5   GLY 5   5   5   GLY GLY A . n 
A 1 6   TYR 6   6   6   TYR TYR A . n 
A 1 7   ALA 7   7   7   ALA ALA A . n 
A 1 8   ARG 8   8   8   ARG ARG A . n 
A 1 9   VAL 9   9   9   VAL VAL A . n 
A 1 10  SER 10  10  10  SER SER A . n 
A 1 11  THR 11  11  11  THR THR A . n 
A 1 12  SER 12  12  ?   ?   ?   A . n 
A 1 13  GLN 13  13  ?   ?   ?   A . n 
A 1 14  GLN 14  14  ?   ?   ?   A . n 
A 1 15  SER 15  15  15  SER SER A . n 
A 1 16  LEU 16  16  16  LEU LEU A . n 
A 1 17  ASP 17  17  17  ASP ASP A . n 
A 1 18  ILE 18  18  18  ILE ILE A . n 
A 1 19  GLN 19  19  19  GLN GLN A . n 
A 1 20  VAL 20  20  20  VAL VAL A . n 
A 1 21  ARG 21  21  21  ARG ARG A . n 
A 1 22  ALA 22  22  22  ALA ALA A . n 
A 1 23  LEU 23  23  23  LEU LEU A . n 
A 1 24  LYS 24  24  24  LYS LYS A . n 
A 1 25  ASP 25  25  25  ASP ASP A . n 
A 1 26  ALA 26  26  26  ALA ALA A . n 
A 1 27  GLY 27  27  27  GLY GLY A . n 
A 1 28  VAL 28  28  28  VAL VAL A . n 
A 1 29  LYS 29  29  29  LYS LYS A . n 
A 1 30  ALA 30  30  30  ALA ALA A . n 
A 1 31  ASN 31  31  31  ASN ASN A . n 
A 1 32  ARG 32  32  32  ARG ARG A . n 
A 1 33  ILE 33  33  33  ILE ILE A . n 
A 1 34  PHE 34  34  34  PHE PHE A . n 
A 1 35  THR 35  35  35  THR THR A . n 
A 1 36  ASP 36  36  36  ASP ASP A . n 
A 1 37  LYS 37  37  37  LYS LYS A . n 
A 1 38  ALA 38  38  ?   ?   ?   A . n 
A 1 39  SER 39  39  ?   ?   ?   A . n 
A 1 40  GLY 40  40  ?   ?   ?   A . n 
A 1 41  SER 41  41  ?   ?   ?   A . n 
A 1 42  SER 42  42  ?   ?   ?   A . n 
A 1 43  SER 43  43  ?   ?   ?   A . n 
A 1 44  ASP 44  44  ?   ?   ?   A . n 
A 1 45  ARG 45  45  45  ARG ARG A . n 
A 1 46  LYS 46  46  46  LYS LYS A . n 
A 1 47  GLY 47  47  47  GLY GLY A . n 
A 1 48  LEU 48  48  48  LEU LEU A . n 
A 1 49  ASP 49  49  49  ASP ASP A . n 
A 1 50  LEU 50  50  50  LEU LEU A . n 
A 1 51  LEU 51  51  51  LEU LEU A . n 
A 1 52  ARG 52  52  52  ARG ARG A . n 
A 1 53  MET 53  53  53  MET MET A . n 
A 1 54  LYS 54  54  54  LYS LYS A . n 
A 1 55  VAL 55  55  55  VAL VAL A . n 
A 1 56  GLU 56  56  56  GLU GLU A . n 
A 1 57  GLU 57  57  57  GLU GLU A . n 
A 1 58  GLY 58  58  58  GLY GLY A . n 
A 1 59  ASP 59  59  59  ASP ASP A . n 
A 1 60  VAL 60  60  60  VAL VAL A . n 
A 1 61  ILE 61  61  61  ILE ILE A . n 
A 1 62  LEU 62  62  62  LEU LEU A . n 
A 1 63  VAL 63  63  63  VAL VAL A . n 
A 1 64  LYS 64  64  64  LYS LYS A . n 
A 1 65  LYS 65  65  65  LYS LYS A . n 
A 1 66  LEU 66  66  66  LEU LEU A . n 
A 1 67  ASP 67  67  67  ASP ASP A . n 
A 1 68  ARG 68  68  68  ARG ARG A . n 
A 1 69  LEU 69  69  69  LEU LEU A . n 
A 1 70  GLY 70  70  70  GLY GLY A . n 
A 1 71  ARG 71  71  71  ARG ARG A . n 
A 1 72  ASP 72  72  72  ASP ASP A . n 
A 1 73  THR 73  73  73  THR THR A . n 
A 1 74  ALA 74  74  74  ALA ALA A . n 
A 1 75  ASP 75  75  75  ASP ASP A . n 
A 1 76  MET 76  76  76  MET MET A . n 
A 1 77  ILE 77  77  77  ILE ILE A . n 
A 1 78  GLN 78  78  78  GLN GLN A . n 
A 1 79  LEU 79  79  79  LEU LEU A . n 
A 1 80  ILE 80  80  80  ILE ILE A . n 
A 1 81  LYS 81  81  81  LYS LYS A . n 
A 1 82  GLU 82  82  82  GLU GLU A . n 
A 1 83  PHE 83  83  83  PHE PHE A . n 
A 1 84  ASP 84  84  84  ASP ASP A . n 
A 1 85  ALA 85  85  85  ALA ALA A . n 
A 1 86  GLN 86  86  86  GLN GLN A . n 
A 1 87  GLY 87  87  87  GLY GLY A . n 
A 1 88  VAL 88  88  88  VAL VAL A . n 
A 1 89  SER 89  89  89  SER SER A . n 
A 1 90  ILE 90  90  90  ILE ILE A . n 
A 1 91  ARG 91  91  91  ARG ARG A . n 
A 1 92  PHE 92  92  92  PHE PHE A . n 
A 1 93  ILE 93  93  93  ILE ILE A . n 
A 1 94  ASP 94  94  94  ASP ASP A . n 
A 1 95  ASP 95  95  95  ASP ASP A . n 
A 1 96  GLY 96  96  96  GLY GLY A . n 
A 1 97  ILE 97  97  97  ILE ILE A . n 
A 1 98  SER 98  98  98  SER SER A . n 
A 1 99  THR 99  99  99  THR THR A . n 
A 1 100 ASP 100 100 100 ASP ASP A . n 
A 1 101 GLY 101 101 101 GLY GLY A . n 
A 1 102 GLU 102 102 102 GLU GLU A . n 
A 1 103 MET 103 103 103 MET MET A . n 
A 1 104 GLY 104 104 104 GLY GLY A . n 
A 1 105 LYS 105 105 105 LYS LYS A . n 
A 1 106 MET 106 106 106 MET MET A . n 
A 1 107 VAL 107 107 107 VAL VAL A . n 
A 1 108 VAL 108 108 108 VAL VAL A . n 
A 1 109 THR 109 109 109 THR THR A . n 
A 1 110 ILE 110 110 110 ILE ILE A . n 
A 1 111 LEU 111 111 111 LEU LEU A . n 
A 1 112 SER 112 112 112 SER SER A . n 
A 1 113 ALA 113 113 113 ALA ALA A . n 
A 1 114 VAL 114 114 114 VAL VAL A . n 
A 1 115 ALA 115 115 115 ALA ALA A . n 
A 1 116 GLN 116 116 ?   ?   ?   A . n 
A 1 117 ALA 117 117 ?   ?   ?   A . n 
A 1 118 GLU 118 118 ?   ?   ?   A . n 
A 1 119 ARG 119 119 ?   ?   ?   A . n 
A 1 120 GLN 120 120 ?   ?   ?   A . n 
A 1 121 ARG 121 121 ?   ?   ?   A . n 
A 1 122 ILE 122 122 ?   ?   ?   A . n 
A 1 123 LEU 123 123 ?   ?   ?   A . n 
A 1 124 GLU 124 124 ?   ?   ?   A . n 
A 1 125 ARG 125 125 ?   ?   ?   A . n 
A 1 126 THR 126 126 ?   ?   ?   A . n 
A 1 127 ASN 127 127 ?   ?   ?   A . n 
A 1 128 GLU 128 128 ?   ?   ?   A . n 
A 1 129 GLY 129 129 ?   ?   ?   A . n 
A 1 130 ARG 130 130 ?   ?   ?   A . n 
A 1 131 GLN 131 131 ?   ?   ?   A . n 
A 1 132 GLU 132 132 ?   ?   ?   A . n 
A 1 133 ALA 133 133 ?   ?   ?   A . n 
A 1 134 MET 134 134 ?   ?   ?   A . n 
A 1 135 ALA 135 135 ?   ?   ?   A . n 
A 1 136 LYS 136 136 ?   ?   ?   A . n 
A 1 137 GLY 137 137 ?   ?   ?   A . n 
A 1 138 VAL 138 138 ?   ?   ?   A . n 
A 1 139 VAL 139 139 ?   ?   ?   A . n 
A 1 140 PHE 140 140 ?   ?   ?   A . n 
# 
loop_
_software.name 
_software.classification 
_software.version 
_software.citation_id 
_software.pdbx_ordinal 
X-PLOR 'model building' . ? 1 
X-PLOR refinement       . ? 2 
X-PLOR phasing          . ? 3 
# 
_cell.entry_id           1GDR 
_cell.length_a           60.200 
_cell.length_b           60.200 
_cell.length_c           170.100 
_cell.angle_alpha        90.00 
_cell.angle_beta         90.00 
_cell.angle_gamma        120.00 
_cell.Z_PDB              12 
_cell.pdbx_unique_axis   ? 
# 
_symmetry.entry_id                         1GDR 
_symmetry.space_group_name_H-M             'P 64 2 2' 
_symmetry.pdbx_full_space_group_name_H-M   ? 
_symmetry.cell_setting                     ? 
_symmetry.Int_Tables_number                181 
# 
_exptl.entry_id          1GDR 
_exptl.method            'X-RAY DIFFRACTION' 
_exptl.crystals_number   ? 
# 
_exptl_crystal.id                    1 
_exptl_crystal.density_meas          ? 
_exptl_crystal.density_Matthews      2.87 
_exptl_crystal.density_percent_sol   57.10 
_exptl_crystal.description           ? 
# 
_diffrn.id                     1 
_diffrn.ambient_temp           ? 
_diffrn.ambient_temp_details   ? 
_diffrn.crystal_id             1 
# 
_diffrn_radiation.diffrn_id                        1 
_diffrn_radiation.wavelength_id                    1 
_diffrn_radiation.pdbx_monochromatic_or_laue_m_l   ? 
_diffrn_radiation.monochromator                    ? 
_diffrn_radiation.pdbx_diffrn_protocol             ? 
_diffrn_radiation.pdbx_scattering_type             x-ray 
# 
_diffrn_radiation_wavelength.id           1 
_diffrn_radiation_wavelength.wavelength   . 
_diffrn_radiation_wavelength.wt           1.0 
# 
_refine.entry_id                                 1GDR 
_refine.ls_number_reflns_obs                     ? 
_refine.ls_number_reflns_all                     ? 
_refine.pdbx_ls_sigma_I                          ? 
_refine.pdbx_ls_sigma_F                          ? 
_refine.pdbx_data_cutoff_high_absF               ? 
_refine.pdbx_data_cutoff_low_absF                ? 
_refine.pdbx_data_cutoff_high_rms_absF           ? 
_refine.ls_d_res_low                             ? 
_refine.ls_d_res_high                            3.5 
_refine.ls_percent_reflns_obs                    ? 
_refine.ls_R_factor_obs                          0.3100000 
_refine.ls_R_factor_all                          ? 
_refine.ls_R_factor_R_work                       0.3100000 
_refine.ls_R_factor_R_free                       ? 
_refine.ls_R_factor_R_free_error                 ? 
_refine.ls_R_factor_R_free_error_details         ? 
_refine.ls_percent_reflns_R_free                 ? 
_refine.ls_number_reflns_R_free                  ? 
_refine.ls_number_parameters                     ? 
_refine.ls_number_restraints                     ? 
_refine.occupancy_min                            ? 
_refine.occupancy_max                            ? 
_refine.B_iso_mean                               ? 
_refine.aniso_B[1][1]                            ? 
_refine.aniso_B[2][2]                            ? 
_refine.aniso_B[3][3]                            ? 
_refine.aniso_B[1][2]                            ? 
_refine.aniso_B[1][3]                            ? 
_refine.aniso_B[2][3]                            ? 
_refine.solvent_model_details                    ? 
_refine.solvent_model_param_ksol                 ? 
_refine.solvent_model_param_bsol                 ? 
_refine.pdbx_ls_cross_valid_method               ? 
_refine.details                                  ? 
_refine.pdbx_starting_model                      ? 
_refine.pdbx_method_to_determine_struct          ? 
_refine.pdbx_isotropic_thermal_model             ? 
_refine.pdbx_stereochemistry_target_values       ? 
_refine.pdbx_stereochem_target_val_spec_case     ? 
_refine.pdbx_R_Free_selection_details            ? 
_refine.pdbx_overall_ESU_R                       ? 
_refine.pdbx_overall_ESU_R_Free                  ? 
_refine.overall_SU_ML                            ? 
_refine.overall_SU_B                             ? 
_refine.pdbx_refine_id                           'X-RAY DIFFRACTION' 
_refine.pdbx_diffrn_id                           1 
_refine.pdbx_TLS_residual_ADP_flag               ? 
_refine.correlation_coeff_Fo_to_Fc               ? 
_refine.correlation_coeff_Fo_to_Fc_free          ? 
_refine.pdbx_solvent_vdw_probe_radii             ? 
_refine.pdbx_solvent_ion_probe_radii             ? 
_refine.pdbx_solvent_shrinkage_radii             ? 
_refine.pdbx_overall_phase_error                 ? 
_refine.overall_SU_R_Cruickshank_DPI             ? 
_refine.pdbx_overall_SU_R_free_Cruickshank_DPI   ? 
_refine.pdbx_overall_SU_R_Blow_DPI               ? 
_refine.pdbx_overall_SU_R_free_Blow_DPI          ? 
# 
_refine_hist.pdbx_refine_id                   'X-RAY DIFFRACTION' 
_refine_hist.cycle_id                         LAST 
_refine_hist.pdbx_number_atoms_protein        105 
_refine_hist.pdbx_number_atoms_nucleic_acid   0 
_refine_hist.pdbx_number_atoms_ligand         0 
_refine_hist.number_atoms_solvent             0 
_refine_hist.number_atoms_total               105 
_refine_hist.d_res_high                       3.5 
_refine_hist.d_res_low                        . 
# 
loop_
_refine_ls_restr.type 
_refine_ls_restr.dev_ideal 
_refine_ls_restr.dev_ideal_target 
_refine_ls_restr.weight 
_refine_ls_restr.number 
_refine_ls_restr.pdbx_refine_id 
_refine_ls_restr.pdbx_restraint_function 
x_bond_d                0.015 ? ? ? 'X-RAY DIFFRACTION' ? 
x_bond_d_na             ?     ? ? ? 'X-RAY DIFFRACTION' ? 
x_bond_d_prot           ?     ? ? ? 'X-RAY DIFFRACTION' ? 
x_angle_d               ?     ? ? ? 'X-RAY DIFFRACTION' ? 
x_angle_d_na            ?     ? ? ? 'X-RAY DIFFRACTION' ? 
x_angle_d_prot          ?     ? ? ? 'X-RAY DIFFRACTION' ? 
x_angle_deg             3.55  ? ? ? 'X-RAY DIFFRACTION' ? 
x_angle_deg_na          ?     ? ? ? 'X-RAY DIFFRACTION' ? 
x_angle_deg_prot        ?     ? ? ? 'X-RAY DIFFRACTION' ? 
x_dihedral_angle_d      ?     ? ? ? 'X-RAY DIFFRACTION' ? 
x_dihedral_angle_d_na   ?     ? ? ? 'X-RAY DIFFRACTION' ? 
x_dihedral_angle_d_prot ?     ? ? ? 'X-RAY DIFFRACTION' ? 
x_improper_angle_d      ?     ? ? ? 'X-RAY DIFFRACTION' ? 
x_improper_angle_d_na   ?     ? ? ? 'X-RAY DIFFRACTION' ? 
x_improper_angle_d_prot ?     ? ? ? 'X-RAY DIFFRACTION' ? 
x_mcbond_it             ?     ? ? ? 'X-RAY DIFFRACTION' ? 
x_mcangle_it            ?     ? ? ? 'X-RAY DIFFRACTION' ? 
x_scbond_it             ?     ? ? ? 'X-RAY DIFFRACTION' ? 
x_scangle_it            ?     ? ? ? 'X-RAY DIFFRACTION' ? 
# 
_struct.entry_id                  1GDR 
_struct.title                     
'MODEL FOR A DNA MEDIATED SYNAPTIC COMPLEX SUGGESTED BY CRYSTAL PACKING OF GAMMA DELTA RESOLVASE SUBUNITS' 
_struct.pdbx_model_details        ? 
_struct.pdbx_CASP_flag            ? 
_struct.pdbx_model_type_details   ? 
# 
_struct_keywords.entry_id        1GDR 
_struct_keywords.pdbx_keywords   'SITE-SPECIFIC RECOMBINASE' 
_struct_keywords.text            'SITE-SPECIFIC RECOMBINASE' 
# 
_struct_asym.id                            A 
_struct_asym.pdbx_blank_PDB_chainid_flag   N 
_struct_asym.pdbx_modified                 N 
_struct_asym.entity_id                     1 
_struct_asym.details                       ? 
# 
_struct_ref.id                         1 
_struct_ref.db_name                    UNP 
_struct_ref.db_code                    TNR1_ECOLI 
_struct_ref.entity_id                  1 
_struct_ref.pdbx_db_accession          P03012 
_struct_ref.pdbx_align_begin           1 
_struct_ref.pdbx_seq_one_letter_code   
;MRLFGYARVSTSQQSLDIQVRALKDAGVKANRIFTDKASGSSSDRKGLDLLRMKVEEGDVILVKKLDRLGRDTADMIQLI
KEFDAQGVSIRFIDDGISTDGEMGKMVVTILSAVAQAERQRILERTNEGRQEAMAKGVVFGRKRKIDRDAVLNMWQQGLG
ASHISKTMNIARSTVYKVINESN
;
_struct_ref.pdbx_db_isoform            ? 
# 
_struct_ref_seq.align_id                      1 
_struct_ref_seq.ref_id                        1 
_struct_ref_seq.pdbx_PDB_id_code              1GDR 
_struct_ref_seq.pdbx_strand_id                A 
_struct_ref_seq.seq_align_beg                 1 
_struct_ref_seq.pdbx_seq_align_beg_ins_code   ? 
_struct_ref_seq.seq_align_end                 140 
_struct_ref_seq.pdbx_seq_align_end_ins_code   ? 
_struct_ref_seq.pdbx_db_accession             P03012 
_struct_ref_seq.db_align_beg                  1 
_struct_ref_seq.pdbx_db_align_beg_ins_code    ? 
_struct_ref_seq.db_align_end                  140 
_struct_ref_seq.pdbx_db_align_end_ins_code    ? 
_struct_ref_seq.pdbx_auth_seq_align_beg       1 
_struct_ref_seq.pdbx_auth_seq_align_end       140 
# 
_pdbx_struct_assembly.id                   1 
_pdbx_struct_assembly.details              author_defined_assembly 
_pdbx_struct_assembly.method_details       ? 
_pdbx_struct_assembly.oligomeric_details   monomeric 
_pdbx_struct_assembly.oligomeric_count     1 
# 
_pdbx_struct_assembly_gen.assembly_id       1 
_pdbx_struct_assembly_gen.oper_expression   1 
_pdbx_struct_assembly_gen.asym_id_list      A 
# 
_pdbx_struct_oper_list.id                   1 
_pdbx_struct_oper_list.type                 'identity operation' 
_pdbx_struct_oper_list.name                 1_555 
_pdbx_struct_oper_list.symmetry_operation   x,y,z 
_pdbx_struct_oper_list.matrix[1][1]         1.0000000000 
_pdbx_struct_oper_list.matrix[1][2]         0.0000000000 
_pdbx_struct_oper_list.matrix[1][3]         0.0000000000 
_pdbx_struct_oper_list.vector[1]            0.0000000000 
_pdbx_struct_oper_list.matrix[2][1]         0.0000000000 
_pdbx_struct_oper_list.matrix[2][2]         1.0000000000 
_pdbx_struct_oper_list.matrix[2][3]         0.0000000000 
_pdbx_struct_oper_list.vector[2]            0.0000000000 
_pdbx_struct_oper_list.matrix[3][1]         0.0000000000 
_pdbx_struct_oper_list.matrix[3][2]         0.0000000000 
_pdbx_struct_oper_list.matrix[3][3]         1.0000000000 
_pdbx_struct_oper_list.vector[3]            0.0000000000 
# 
_struct_biol.id                    1 
_struct_biol.details               
;THE MATRIX GIVEN BELOW WILL APPROXIMATELY SUPERIMPOSE
MONOMER-B FROM THE C2221 CRYSTAL STRUCTURE ONTO THE
THE STRUCTURE PRESENTED IN THIS ENTRY.

0.77672    0.02093  -0.62949  (X - 25.22352)  +  -9.96070
0.62967   -0.00232   0.77686  (X - 53.97461)  +  43.29039
0.01480   -0.99978  -0.01498  (X - 47.00185)  +  12.88526
;
_struct_biol.pdbx_parent_biol_id   ? 
# 
loop_
_struct_conf.conf_type_id 
_struct_conf.id 
_struct_conf.pdbx_PDB_helix_id 
_struct_conf.beg_label_comp_id 
_struct_conf.beg_label_asym_id 
_struct_conf.beg_label_seq_id 
_struct_conf.pdbx_beg_PDB_ins_code 
_struct_conf.end_label_comp_id 
_struct_conf.end_label_asym_id 
_struct_conf.end_label_seq_id 
_struct_conf.pdbx_end_PDB_ins_code 
_struct_conf.beg_auth_comp_id 
_struct_conf.beg_auth_asym_id 
_struct_conf.beg_auth_seq_id 
_struct_conf.end_auth_comp_id 
_struct_conf.end_auth_asym_id 
_struct_conf.end_auth_seq_id 
_struct_conf.pdbx_PDB_helix_class 
_struct_conf.details 
_struct_conf.pdbx_PDB_helix_length 
HELX_P HELX_P1 B GLY A 47  ? VAL A 55  ? GLY A 47  VAL A 55  1 ? 9  
HELX_P HELX_P2 C LYS A 65  ? LEU A 69  ? LYS A 65  LEU A 69  1 ? 5  
HELX_P HELX_P3 D ASP A 72  ? GLY A 87  ? ASP A 72  GLY A 87  1 ? 16 
HELX_P HELX_P4 E GLY A 101 ? ALA A 115 ? GLY A 101 ALA A 115 1 ? 15 
# 
_struct_conf_type.id          HELX_P 
_struct_conf_type.criteria    ? 
_struct_conf_type.reference   ? 
# 
_struct_sheet.id               S1 
_struct_sheet.type             ? 
_struct_sheet.number_strands   4 
_struct_sheet.details          ? 
# 
loop_
_struct_sheet_order.sheet_id 
_struct_sheet_order.range_id_1 
_struct_sheet_order.range_id_2 
_struct_sheet_order.offset 
_struct_sheet_order.sense 
S1 1 2 ? parallel      
S1 2 3 ? parallel      
S1 3 4 ? anti-parallel 
# 
loop_
_struct_sheet_range.sheet_id 
_struct_sheet_range.id 
_struct_sheet_range.beg_label_comp_id 
_struct_sheet_range.beg_label_asym_id 
_struct_sheet_range.beg_label_seq_id 
_struct_sheet_range.pdbx_beg_PDB_ins_code 
_struct_sheet_range.end_label_comp_id 
_struct_sheet_range.end_label_asym_id 
_struct_sheet_range.end_label_seq_id 
_struct_sheet_range.pdbx_end_PDB_ins_code 
_struct_sheet_range.beg_auth_comp_id 
_struct_sheet_range.beg_auth_asym_id 
_struct_sheet_range.beg_auth_seq_id 
_struct_sheet_range.end_auth_comp_id 
_struct_sheet_range.end_auth_asym_id 
_struct_sheet_range.end_auth_seq_id 
S1 1 MET A 1  ? SER A 10  ? MET A 1  SER A 10  
S1 2 GLY A 58 ? LYS A 64  ? GLY A 58 LYS A 64  
S1 3 GLY A 87 ? ILE A 93  ? GLY A 87 ILE A 93  
S1 4 GLY A 96 ? ASP A 100 ? GLY A 96 ASP A 100 
# 
_pdbx_entry_details.entry_id                 1GDR 
_pdbx_entry_details.compound_details         
;THESE CRYSTALS DO NOT DIFFRACT AS WELL AS THE C2221
CRYSTAL FORM (PDB ENTRY 2RSL) AND ARE MAINLY OF INTEREST
IN REGARDS TO CRYSTAL PACKING.  THE AUTHORS HAVE PROPOSED
A MODEL OF THE SYNAPTIC COMPLEX BASED ON THE PACKING OF
PROTOMERS IN THIS UNIT CELL.
;
_pdbx_entry_details.source_details           ? 
_pdbx_entry_details.nonpolymer_details       ? 
_pdbx_entry_details.sequence_details         ? 
_pdbx_entry_details.has_ligand_of_interest   ? 
# 
loop_
_pdbx_unobs_or_zero_occ_residues.id 
_pdbx_unobs_or_zero_occ_residues.PDB_model_num 
_pdbx_unobs_or_zero_occ_residues.polymer_flag 
_pdbx_unobs_or_zero_occ_residues.occupancy_flag 
_pdbx_unobs_or_zero_occ_residues.auth_asym_id 
_pdbx_unobs_or_zero_occ_residues.auth_comp_id 
_pdbx_unobs_or_zero_occ_residues.auth_seq_id 
_pdbx_unobs_or_zero_occ_residues.PDB_ins_code 
_pdbx_unobs_or_zero_occ_residues.label_asym_id 
_pdbx_unobs_or_zero_occ_residues.label_comp_id 
_pdbx_unobs_or_zero_occ_residues.label_seq_id 
1  1 Y 1 A SER 12  ? A SER 12  
2  1 Y 1 A GLN 13  ? A GLN 13  
3  1 Y 1 A GLN 14  ? A GLN 14  
4  1 Y 1 A ALA 38  ? A ALA 38  
5  1 Y 1 A SER 39  ? A SER 39  
6  1 Y 1 A GLY 40  ? A GLY 40  
7  1 Y 1 A SER 41  ? A SER 41  
8  1 Y 1 A SER 42  ? A SER 42  
9  1 Y 1 A SER 43  ? A SER 43  
10 1 Y 1 A ASP 44  ? A ASP 44  
11 1 Y 1 A GLN 116 ? A GLN 116 
12 1 Y 1 A ALA 117 ? A ALA 117 
13 1 Y 1 A GLU 118 ? A GLU 118 
14 1 Y 1 A ARG 119 ? A ARG 119 
15 1 Y 1 A GLN 120 ? A GLN 120 
16 1 Y 1 A ARG 121 ? A ARG 121 
17 1 Y 1 A ILE 122 ? A ILE 122 
18 1 Y 1 A LEU 123 ? A LEU 123 
19 1 Y 1 A GLU 124 ? A GLU 124 
20 1 Y 1 A ARG 125 ? A ARG 125 
21 1 Y 1 A THR 126 ? A THR 126 
22 1 Y 1 A ASN 127 ? A ASN 127 
23 1 Y 1 A GLU 128 ? A GLU 128 
24 1 Y 1 A GLY 129 ? A GLY 129 
25 1 Y 1 A ARG 130 ? A ARG 130 
26 1 Y 1 A GLN 131 ? A GLN 131 
27 1 Y 1 A GLU 132 ? A GLU 132 
28 1 Y 1 A ALA 133 ? A ALA 133 
29 1 Y 1 A MET 134 ? A MET 134 
30 1 Y 1 A ALA 135 ? A ALA 135 
31 1 Y 1 A LYS 136 ? A LYS 136 
32 1 Y 1 A GLY 137 ? A GLY 137 
33 1 Y 1 A VAL 138 ? A VAL 138 
34 1 Y 1 A VAL 139 ? A VAL 139 
35 1 Y 1 A PHE 140 ? A PHE 140 
# 
loop_
_chem_comp_atom.comp_id 
_chem_comp_atom.atom_id 
_chem_comp_atom.type_symbol 
_chem_comp_atom.pdbx_aromatic_flag 
_chem_comp_atom.pdbx_stereo_config 
_chem_comp_atom.pdbx_ordinal 
ALA N    N N N 1   
ALA CA   C N S 2   
ALA C    C N N 3   
ALA O    O N N 4   
ALA CB   C N N 5   
ALA OXT  O N N 6   
ALA H    H N N 7   
ALA H2   H N N 8   
ALA HA   H N N 9   
ALA HB1  H N N 10  
ALA HB2  H N N 11  
ALA HB3  H N N 12  
ALA HXT  H N N 13  
ARG N    N N N 14  
ARG CA   C N S 15  
ARG C    C N N 16  
ARG O    O N N 17  
ARG CB   C N N 18  
ARG CG   C N N 19  
ARG CD   C N N 20  
ARG NE   N N N 21  
ARG CZ   C N N 22  
ARG NH1  N N N 23  
ARG NH2  N N N 24  
ARG OXT  O N N 25  
ARG H    H N N 26  
ARG H2   H N N 27  
ARG HA   H N N 28  
ARG HB2  H N N 29  
ARG HB3  H N N 30  
ARG HG2  H N N 31  
ARG HG3  H N N 32  
ARG HD2  H N N 33  
ARG HD3  H N N 34  
ARG HE   H N N 35  
ARG HH11 H N N 36  
ARG HH12 H N N 37  
ARG HH21 H N N 38  
ARG HH22 H N N 39  
ARG HXT  H N N 40  
ASN N    N N N 41  
ASN CA   C N S 42  
ASN C    C N N 43  
ASN O    O N N 44  
ASN CB   C N N 45  
ASN CG   C N N 46  
ASN OD1  O N N 47  
ASN ND2  N N N 48  
ASN OXT  O N N 49  
ASN H    H N N 50  
ASN H2   H N N 51  
ASN HA   H N N 52  
ASN HB2  H N N 53  
ASN HB3  H N N 54  
ASN HD21 H N N 55  
ASN HD22 H N N 56  
ASN HXT  H N N 57  
ASP N    N N N 58  
ASP CA   C N S 59  
ASP C    C N N 60  
ASP O    O N N 61  
ASP CB   C N N 62  
ASP CG   C N N 63  
ASP OD1  O N N 64  
ASP OD2  O N N 65  
ASP OXT  O N N 66  
ASP H    H N N 67  
ASP H2   H N N 68  
ASP HA   H N N 69  
ASP HB2  H N N 70  
ASP HB3  H N N 71  
ASP HD2  H N N 72  
ASP HXT  H N N 73  
GLN N    N N N 74  
GLN CA   C N S 75  
GLN C    C N N 76  
GLN O    O N N 77  
GLN CB   C N N 78  
GLN CG   C N N 79  
GLN CD   C N N 80  
GLN OE1  O N N 81  
GLN NE2  N N N 82  
GLN OXT  O N N 83  
GLN H    H N N 84  
GLN H2   H N N 85  
GLN HA   H N N 86  
GLN HB2  H N N 87  
GLN HB3  H N N 88  
GLN HG2  H N N 89  
GLN HG3  H N N 90  
GLN HE21 H N N 91  
GLN HE22 H N N 92  
GLN HXT  H N N 93  
GLU N    N N N 94  
GLU CA   C N S 95  
GLU C    C N N 96  
GLU O    O N N 97  
GLU CB   C N N 98  
GLU CG   C N N 99  
GLU CD   C N N 100 
GLU OE1  O N N 101 
GLU OE2  O N N 102 
GLU OXT  O N N 103 
GLU H    H N N 104 
GLU H2   H N N 105 
GLU HA   H N N 106 
GLU HB2  H N N 107 
GLU HB3  H N N 108 
GLU HG2  H N N 109 
GLU HG3  H N N 110 
GLU HE2  H N N 111 
GLU HXT  H N N 112 
GLY N    N N N 113 
GLY CA   C N N 114 
GLY C    C N N 115 
GLY O    O N N 116 
GLY OXT  O N N 117 
GLY H    H N N 118 
GLY H2   H N N 119 
GLY HA2  H N N 120 
GLY HA3  H N N 121 
GLY HXT  H N N 122 
ILE N    N N N 123 
ILE CA   C N S 124 
ILE C    C N N 125 
ILE O    O N N 126 
ILE CB   C N S 127 
ILE CG1  C N N 128 
ILE CG2  C N N 129 
ILE CD1  C N N 130 
ILE OXT  O N N 131 
ILE H    H N N 132 
ILE H2   H N N 133 
ILE HA   H N N 134 
ILE HB   H N N 135 
ILE HG12 H N N 136 
ILE HG13 H N N 137 
ILE HG21 H N N 138 
ILE HG22 H N N 139 
ILE HG23 H N N 140 
ILE HD11 H N N 141 
ILE HD12 H N N 142 
ILE HD13 H N N 143 
ILE HXT  H N N 144 
LEU N    N N N 145 
LEU CA   C N S 146 
LEU C    C N N 147 
LEU O    O N N 148 
LEU CB   C N N 149 
LEU CG   C N N 150 
LEU CD1  C N N 151 
LEU CD2  C N N 152 
LEU OXT  O N N 153 
LEU H    H N N 154 
LEU H2   H N N 155 
LEU HA   H N N 156 
LEU HB2  H N N 157 
LEU HB3  H N N 158 
LEU HG   H N N 159 
LEU HD11 H N N 160 
LEU HD12 H N N 161 
LEU HD13 H N N 162 
LEU HD21 H N N 163 
LEU HD22 H N N 164 
LEU HD23 H N N 165 
LEU HXT  H N N 166 
LYS N    N N N 167 
LYS CA   C N S 168 
LYS C    C N N 169 
LYS O    O N N 170 
LYS CB   C N N 171 
LYS CG   C N N 172 
LYS CD   C N N 173 
LYS CE   C N N 174 
LYS NZ   N N N 175 
LYS OXT  O N N 176 
LYS H    H N N 177 
LYS H2   H N N 178 
LYS HA   H N N 179 
LYS HB2  H N N 180 
LYS HB3  H N N 181 
LYS HG2  H N N 182 
LYS HG3  H N N 183 
LYS HD2  H N N 184 
LYS HD3  H N N 185 
LYS HE2  H N N 186 
LYS HE3  H N N 187 
LYS HZ1  H N N 188 
LYS HZ2  H N N 189 
LYS HZ3  H N N 190 
LYS HXT  H N N 191 
MET N    N N N 192 
MET CA   C N S 193 
MET C    C N N 194 
MET O    O N N 195 
MET CB   C N N 196 
MET CG   C N N 197 
MET SD   S N N 198 
MET CE   C N N 199 
MET OXT  O N N 200 
MET H    H N N 201 
MET H2   H N N 202 
MET HA   H N N 203 
MET HB2  H N N 204 
MET HB3  H N N 205 
MET HG2  H N N 206 
MET HG3  H N N 207 
MET HE1  H N N 208 
MET HE2  H N N 209 
MET HE3  H N N 210 
MET HXT  H N N 211 
PHE N    N N N 212 
PHE CA   C N S 213 
PHE C    C N N 214 
PHE O    O N N 215 
PHE CB   C N N 216 
PHE CG   C Y N 217 
PHE CD1  C Y N 218 
PHE CD2  C Y N 219 
PHE CE1  C Y N 220 
PHE CE2  C Y N 221 
PHE CZ   C Y N 222 
PHE OXT  O N N 223 
PHE H    H N N 224 
PHE H2   H N N 225 
PHE HA   H N N 226 
PHE HB2  H N N 227 
PHE HB3  H N N 228 
PHE HD1  H N N 229 
PHE HD2  H N N 230 
PHE HE1  H N N 231 
PHE HE2  H N N 232 
PHE HZ   H N N 233 
PHE HXT  H N N 234 
SER N    N N N 235 
SER CA   C N S 236 
SER C    C N N 237 
SER O    O N N 238 
SER CB   C N N 239 
SER OG   O N N 240 
SER OXT  O N N 241 
SER H    H N N 242 
SER H2   H N N 243 
SER HA   H N N 244 
SER HB2  H N N 245 
SER HB3  H N N 246 
SER HG   H N N 247 
SER HXT  H N N 248 
THR N    N N N 249 
THR CA   C N S 250 
THR C    C N N 251 
THR O    O N N 252 
THR CB   C N R 253 
THR OG1  O N N 254 
THR CG2  C N N 255 
THR OXT  O N N 256 
THR H    H N N 257 
THR H2   H N N 258 
THR HA   H N N 259 
THR HB   H N N 260 
THR HG1  H N N 261 
THR HG21 H N N 262 
THR HG22 H N N 263 
THR HG23 H N N 264 
THR HXT  H N N 265 
TYR N    N N N 266 
TYR CA   C N S 267 
TYR C    C N N 268 
TYR O    O N N 269 
TYR CB   C N N 270 
TYR CG   C Y N 271 
TYR CD1  C Y N 272 
TYR CD2  C Y N 273 
TYR CE1  C Y N 274 
TYR CE2  C Y N 275 
TYR CZ   C Y N 276 
TYR OH   O N N 277 
TYR OXT  O N N 278 
TYR H    H N N 279 
TYR H2   H N N 280 
TYR HA   H N N 281 
TYR HB2  H N N 282 
TYR HB3  H N N 283 
TYR HD1  H N N 284 
TYR HD2  H N N 285 
TYR HE1  H N N 286 
TYR HE2  H N N 287 
TYR HH   H N N 288 
TYR HXT  H N N 289 
VAL N    N N N 290 
VAL CA   C N S 291 
VAL C    C N N 292 
VAL O    O N N 293 
VAL CB   C N N 294 
VAL CG1  C N N 295 
VAL CG2  C N N 296 
VAL OXT  O N N 297 
VAL H    H N N 298 
VAL H2   H N N 299 
VAL HA   H N N 300 
VAL HB   H N N 301 
VAL HG11 H N N 302 
VAL HG12 H N N 303 
VAL HG13 H N N 304 
VAL HG21 H N N 305 
VAL HG22 H N N 306 
VAL HG23 H N N 307 
VAL HXT  H N N 308 
# 
loop_
_chem_comp_bond.comp_id 
_chem_comp_bond.atom_id_1 
_chem_comp_bond.atom_id_2 
_chem_comp_bond.value_order 
_chem_comp_bond.pdbx_aromatic_flag 
_chem_comp_bond.pdbx_stereo_config 
_chem_comp_bond.pdbx_ordinal 
ALA N   CA   sing N N 1   
ALA N   H    sing N N 2   
ALA N   H2   sing N N 3   
ALA CA  C    sing N N 4   
ALA CA  CB   sing N N 5   
ALA CA  HA   sing N N 6   
ALA C   O    doub N N 7   
ALA C   OXT  sing N N 8   
ALA CB  HB1  sing N N 9   
ALA CB  HB2  sing N N 10  
ALA CB  HB3  sing N N 11  
ALA OXT HXT  sing N N 12  
ARG N   CA   sing N N 13  
ARG N   H    sing N N 14  
ARG N   H2   sing N N 15  
ARG CA  C    sing N N 16  
ARG CA  CB   sing N N 17  
ARG CA  HA   sing N N 18  
ARG C   O    doub N N 19  
ARG C   OXT  sing N N 20  
ARG CB  CG   sing N N 21  
ARG CB  HB2  sing N N 22  
ARG CB  HB3  sing N N 23  
ARG CG  CD   sing N N 24  
ARG CG  HG2  sing N N 25  
ARG CG  HG3  sing N N 26  
ARG CD  NE   sing N N 27  
ARG CD  HD2  sing N N 28  
ARG CD  HD3  sing N N 29  
ARG NE  CZ   sing N N 30  
ARG NE  HE   sing N N 31  
ARG CZ  NH1  sing N N 32  
ARG CZ  NH2  doub N N 33  
ARG NH1 HH11 sing N N 34  
ARG NH1 HH12 sing N N 35  
ARG NH2 HH21 sing N N 36  
ARG NH2 HH22 sing N N 37  
ARG OXT HXT  sing N N 38  
ASN N   CA   sing N N 39  
ASN N   H    sing N N 40  
ASN N   H2   sing N N 41  
ASN CA  C    sing N N 42  
ASN CA  CB   sing N N 43  
ASN CA  HA   sing N N 44  
ASN C   O    doub N N 45  
ASN C   OXT  sing N N 46  
ASN CB  CG   sing N N 47  
ASN CB  HB2  sing N N 48  
ASN CB  HB3  sing N N 49  
ASN CG  OD1  doub N N 50  
ASN CG  ND2  sing N N 51  
ASN ND2 HD21 sing N N 52  
ASN ND2 HD22 sing N N 53  
ASN OXT HXT  sing N N 54  
ASP N   CA   sing N N 55  
ASP N   H    sing N N 56  
ASP N   H2   sing N N 57  
ASP CA  C    sing N N 58  
ASP CA  CB   sing N N 59  
ASP CA  HA   sing N N 60  
ASP C   O    doub N N 61  
ASP C   OXT  sing N N 62  
ASP CB  CG   sing N N 63  
ASP CB  HB2  sing N N 64  
ASP CB  HB3  sing N N 65  
ASP CG  OD1  doub N N 66  
ASP CG  OD2  sing N N 67  
ASP OD2 HD2  sing N N 68  
ASP OXT HXT  sing N N 69  
GLN N   CA   sing N N 70  
GLN N   H    sing N N 71  
GLN N   H2   sing N N 72  
GLN CA  C    sing N N 73  
GLN CA  CB   sing N N 74  
GLN CA  HA   sing N N 75  
GLN C   O    doub N N 76  
GLN C   OXT  sing N N 77  
GLN CB  CG   sing N N 78  
GLN CB  HB2  sing N N 79  
GLN CB  HB3  sing N N 80  
GLN CG  CD   sing N N 81  
GLN CG  HG2  sing N N 82  
GLN CG  HG3  sing N N 83  
GLN CD  OE1  doub N N 84  
GLN CD  NE2  sing N N 85  
GLN NE2 HE21 sing N N 86  
GLN NE2 HE22 sing N N 87  
GLN OXT HXT  sing N N 88  
GLU N   CA   sing N N 89  
GLU N   H    sing N N 90  
GLU N   H2   sing N N 91  
GLU CA  C    sing N N 92  
GLU CA  CB   sing N N 93  
GLU CA  HA   sing N N 94  
GLU C   O    doub N N 95  
GLU C   OXT  sing N N 96  
GLU CB  CG   sing N N 97  
GLU CB  HB2  sing N N 98  
GLU CB  HB3  sing N N 99  
GLU CG  CD   sing N N 100 
GLU CG  HG2  sing N N 101 
GLU CG  HG3  sing N N 102 
GLU CD  OE1  doub N N 103 
GLU CD  OE2  sing N N 104 
GLU OE2 HE2  sing N N 105 
GLU OXT HXT  sing N N 106 
GLY N   CA   sing N N 107 
GLY N   H    sing N N 108 
GLY N   H2   sing N N 109 
GLY CA  C    sing N N 110 
GLY CA  HA2  sing N N 111 
GLY CA  HA3  sing N N 112 
GLY C   O    doub N N 113 
GLY C   OXT  sing N N 114 
GLY OXT HXT  sing N N 115 
ILE N   CA   sing N N 116 
ILE N   H    sing N N 117 
ILE N   H2   sing N N 118 
ILE CA  C    sing N N 119 
ILE CA  CB   sing N N 120 
ILE CA  HA   sing N N 121 
ILE C   O    doub N N 122 
ILE C   OXT  sing N N 123 
ILE CB  CG1  sing N N 124 
ILE CB  CG2  sing N N 125 
ILE CB  HB   sing N N 126 
ILE CG1 CD1  sing N N 127 
ILE CG1 HG12 sing N N 128 
ILE CG1 HG13 sing N N 129 
ILE CG2 HG21 sing N N 130 
ILE CG2 HG22 sing N N 131 
ILE CG2 HG23 sing N N 132 
ILE CD1 HD11 sing N N 133 
ILE CD1 HD12 sing N N 134 
ILE CD1 HD13 sing N N 135 
ILE OXT HXT  sing N N 136 
LEU N   CA   sing N N 137 
LEU N   H    sing N N 138 
LEU N   H2   sing N N 139 
LEU CA  C    sing N N 140 
LEU CA  CB   sing N N 141 
LEU CA  HA   sing N N 142 
LEU C   O    doub N N 143 
LEU C   OXT  sing N N 144 
LEU CB  CG   sing N N 145 
LEU CB  HB2  sing N N 146 
LEU CB  HB3  sing N N 147 
LEU CG  CD1  sing N N 148 
LEU CG  CD2  sing N N 149 
LEU CG  HG   sing N N 150 
LEU CD1 HD11 sing N N 151 
LEU CD1 HD12 sing N N 152 
LEU CD1 HD13 sing N N 153 
LEU CD2 HD21 sing N N 154 
LEU CD2 HD22 sing N N 155 
LEU CD2 HD23 sing N N 156 
LEU OXT HXT  sing N N 157 
LYS N   CA   sing N N 158 
LYS N   H    sing N N 159 
LYS N   H2   sing N N 160 
LYS CA  C    sing N N 161 
LYS CA  CB   sing N N 162 
LYS CA  HA   sing N N 163 
LYS C   O    doub N N 164 
LYS C   OXT  sing N N 165 
LYS CB  CG   sing N N 166 
LYS CB  HB2  sing N N 167 
LYS CB  HB3  sing N N 168 
LYS CG  CD   sing N N 169 
LYS CG  HG2  sing N N 170 
LYS CG  HG3  sing N N 171 
LYS CD  CE   sing N N 172 
LYS CD  HD2  sing N N 173 
LYS CD  HD3  sing N N 174 
LYS CE  NZ   sing N N 175 
LYS CE  HE2  sing N N 176 
LYS CE  HE3  sing N N 177 
LYS NZ  HZ1  sing N N 178 
LYS NZ  HZ2  sing N N 179 
LYS NZ  HZ3  sing N N 180 
LYS OXT HXT  sing N N 181 
MET N   CA   sing N N 182 
MET N   H    sing N N 183 
MET N   H2   sing N N 184 
MET CA  C    sing N N 185 
MET CA  CB   sing N N 186 
MET CA  HA   sing N N 187 
MET C   O    doub N N 188 
MET C   OXT  sing N N 189 
MET CB  CG   sing N N 190 
MET CB  HB2  sing N N 191 
MET CB  HB3  sing N N 192 
MET CG  SD   sing N N 193 
MET CG  HG2  sing N N 194 
MET CG  HG3  sing N N 195 
MET SD  CE   sing N N 196 
MET CE  HE1  sing N N 197 
MET CE  HE2  sing N N 198 
MET CE  HE3  sing N N 199 
MET OXT HXT  sing N N 200 
PHE N   CA   sing N N 201 
PHE N   H    sing N N 202 
PHE N   H2   sing N N 203 
PHE CA  C    sing N N 204 
PHE CA  CB   sing N N 205 
PHE CA  HA   sing N N 206 
PHE C   O    doub N N 207 
PHE C   OXT  sing N N 208 
PHE CB  CG   sing N N 209 
PHE CB  HB2  sing N N 210 
PHE CB  HB3  sing N N 211 
PHE CG  CD1  doub Y N 212 
PHE CG  CD2  sing Y N 213 
PHE CD1 CE1  sing Y N 214 
PHE CD1 HD1  sing N N 215 
PHE CD2 CE2  doub Y N 216 
PHE CD2 HD2  sing N N 217 
PHE CE1 CZ   doub Y N 218 
PHE CE1 HE1  sing N N 219 
PHE CE2 CZ   sing Y N 220 
PHE CE2 HE2  sing N N 221 
PHE CZ  HZ   sing N N 222 
PHE OXT HXT  sing N N 223 
SER N   CA   sing N N 224 
SER N   H    sing N N 225 
SER N   H2   sing N N 226 
SER CA  C    sing N N 227 
SER CA  CB   sing N N 228 
SER CA  HA   sing N N 229 
SER C   O    doub N N 230 
SER C   OXT  sing N N 231 
SER CB  OG   sing N N 232 
SER CB  HB2  sing N N 233 
SER CB  HB3  sing N N 234 
SER OG  HG   sing N N 235 
SER OXT HXT  sing N N 236 
THR N   CA   sing N N 237 
THR N   H    sing N N 238 
THR N   H2   sing N N 239 
THR CA  C    sing N N 240 
THR CA  CB   sing N N 241 
THR CA  HA   sing N N 242 
THR C   O    doub N N 243 
THR C   OXT  sing N N 244 
THR CB  OG1  sing N N 245 
THR CB  CG2  sing N N 246 
THR CB  HB   sing N N 247 
THR OG1 HG1  sing N N 248 
THR CG2 HG21 sing N N 249 
THR CG2 HG22 sing N N 250 
THR CG2 HG23 sing N N 251 
THR OXT HXT  sing N N 252 
TYR N   CA   sing N N 253 
TYR N   H    sing N N 254 
TYR N   H2   sing N N 255 
TYR CA  C    sing N N 256 
TYR CA  CB   sing N N 257 
TYR CA  HA   sing N N 258 
TYR C   O    doub N N 259 
TYR C   OXT  sing N N 260 
TYR CB  CG   sing N N 261 
TYR CB  HB2  sing N N 262 
TYR CB  HB3  sing N N 263 
TYR CG  CD1  doub Y N 264 
TYR CG  CD2  sing Y N 265 
TYR CD1 CE1  sing Y N 266 
TYR CD1 HD1  sing N N 267 
TYR CD2 CE2  doub Y N 268 
TYR CD2 HD2  sing N N 269 
TYR CE1 CZ   doub Y N 270 
TYR CE1 HE1  sing N N 271 
TYR CE2 CZ   sing Y N 272 
TYR CE2 HE2  sing N N 273 
TYR CZ  OH   sing N N 274 
TYR OH  HH   sing N N 275 
TYR OXT HXT  sing N N 276 
VAL N   CA   sing N N 277 
VAL N   H    sing N N 278 
VAL N   H2   sing N N 279 
VAL CA  C    sing N N 280 
VAL CA  CB   sing N N 281 
VAL CA  HA   sing N N 282 
VAL C   O    doub N N 283 
VAL C   OXT  sing N N 284 
VAL CB  CG1  sing N N 285 
VAL CB  CG2  sing N N 286 
VAL CB  HB   sing N N 287 
VAL CG1 HG11 sing N N 288 
VAL CG1 HG12 sing N N 289 
VAL CG1 HG13 sing N N 290 
VAL CG2 HG21 sing N N 291 
VAL CG2 HG22 sing N N 292 
VAL CG2 HG23 sing N N 293 
VAL OXT HXT  sing N N 294 
# 
_pdbx_coordinate_model.asym_id   A 
_pdbx_coordinate_model.type      'CA ATOMS ONLY' 
# 
_atom_sites.entry_id                    1GDR 
_atom_sites.fract_transf_matrix[1][1]   -0.01654984 
_atom_sites.fract_transf_matrix[1][2]   0.00943910 
_atom_sites.fract_transf_matrix[1][3]   0.00221782 
_atom_sites.fract_transf_matrix[2][1]   -0.00258065 
_atom_sites.fract_transf_matrix[2][2]   0.01697421 
_atom_sites.fract_transf_matrix[2][3]   -0.00855145 
_atom_sites.fract_transf_matrix[3][1]   -0.00218401 
_atom_sites.fract_transf_matrix[3][2]   -0.00271699 
_atom_sites.fract_transf_matrix[3][3]   -0.00473400 
_atom_sites.fract_transf_vector[1]      0.254668 
_atom_sites.fract_transf_vector[2]      0.815080 
_atom_sites.fract_transf_vector[3]      0.075768 
# 
_atom_type.symbol   C 
# 
loop_
_atom_site.group_PDB 
_atom_site.id 
_atom_site.type_symbol 
_atom_site.label_atom_id 
_atom_site.label_alt_id 
_atom_site.label_comp_id 
_atom_site.label_asym_id 
_atom_site.label_entity_id 
_atom_site.label_seq_id 
_atom_site.pdbx_PDB_ins_code 
_atom_site.Cartn_x 
_atom_site.Cartn_y 
_atom_site.Cartn_z 
_atom_site.occupancy 
_atom_site.B_iso_or_equiv 
_atom_site.pdbx_formal_charge 
_atom_site.auth_seq_id 
_atom_site.auth_comp_id 
_atom_site.auth_asym_id 
_atom_site.auth_atom_id 
_atom_site.pdbx_PDB_model_num 
ATOM 1   C CA . MET A 1 1   ? 10.533  10.163  -2.310  1.00 35.00 ? 1   MET A CA 1 
ATOM 2   C CA . ARG A 1 2   ? 9.610   9.300   1.257   1.00 35.00 ? 2   ARG A CA 1 
ATOM 3   C CA . LEU A 1 3   ? 8.558   5.629   1.569   1.00 35.00 ? 3   LEU A CA 1 
ATOM 4   C CA . PHE A 1 4   ? 5.920   4.703   4.135   1.00 35.00 ? 4   PHE A CA 1 
ATOM 5   C CA . GLY A 1 5   ? 4.852   1.201   4.929   1.00 35.00 ? 5   GLY A CA 1 
ATOM 6   C CA . TYR A 1 6   ? 1.335   -0.020  5.264   1.00 35.00 ? 6   TYR A CA 1 
ATOM 7   C CA . ALA A 1 7   ? 0.098   -3.326  6.584   1.00 35.00 ? 7   ALA A CA 1 
ATOM 8   C CA . ARG A 1 8   ? -3.001  -4.941  7.937   1.00 35.00 ? 8   ARG A CA 1 
ATOM 9   C CA . VAL A 1 9   ? -3.193  -7.520  10.712  1.00 35.00 ? 9   VAL A CA 1 
ATOM 10  C CA . SER A 1 10  ? -6.905  -7.500  10.914  1.00 35.00 ? 10  SER A CA 1 
ATOM 11  C CA . THR A 1 11  ? -6.823  -10.645 12.830  1.00 35.00 ? 11  THR A CA 1 
ATOM 12  C CA . SER A 1 15  ? 1.565   -10.395 13.671  1.00 35.00 ? 15  SER A CA 1 
ATOM 13  C CA . LEU A 1 16  ? 1.665   -6.672  13.247  1.00 35.00 ? 16  LEU A CA 1 
ATOM 14  C CA . ASP A 1 17  ? 5.314   -7.547  13.995  1.00 35.00 ? 17  ASP A CA 1 
ATOM 15  C CA . ILE A 1 18  ? 6.417   -9.707  11.117  1.00 35.00 ? 18  ILE A CA 1 
ATOM 16  C CA . GLN A 1 19  ? 4.708   -7.406  8.766   1.00 35.00 ? 19  GLN A CA 1 
ATOM 17  C CA . VAL A 1 20  ? 6.061   -4.227  10.486  1.00 35.00 ? 20  VAL A CA 1 
ATOM 18  C CA . ARG A 1 21  ? 9.433   -5.977  10.305  1.00 35.00 ? 21  ARG A CA 1 
ATOM 19  C CA . ALA A 1 22  ? 9.260   -6.416  6.545   1.00 35.00 ? 22  ALA A CA 1 
ATOM 20  C CA . LEU A 1 23  ? 8.263   -2.795  6.375   1.00 35.00 ? 23  LEU A CA 1 
ATOM 21  C CA . LYS A 1 24  ? 11.236  -1.662  8.543   1.00 35.00 ? 24  LYS A CA 1 
ATOM 22  C CA . ASP A 1 25  ? 13.141  -4.151  6.551   1.00 35.00 ? 25  ASP A CA 1 
ATOM 23  C CA . ALA A 1 26  ? 12.231  -2.592  3.254   1.00 35.00 ? 26  ALA A CA 1 
ATOM 24  C CA . GLY A 1 27  ? 13.926  0.820   3.896   1.00 35.00 ? 27  GLY A CA 1 
ATOM 25  C CA . VAL A 1 28  ? 10.848  2.096   5.562   1.00 35.00 ? 28  VAL A CA 1 
ATOM 26  C CA . LYS A 1 29  ? 11.784  3.847   8.783   1.00 35.00 ? 29  LYS A CA 1 
ATOM 27  C CA . ALA A 1 30  ? 9.373   2.977   11.620  1.00 35.00 ? 30  ALA A CA 1 
ATOM 28  C CA . ASN A 1 31  ? 8.019   6.577   11.843  1.00 35.00 ? 31  ASN A CA 1 
ATOM 29  C CA . ARG A 1 32  ? 6.357   5.830   8.448   1.00 35.00 ? 32  ARG A CA 1 
ATOM 30  C CA . ILE A 1 33  ? 4.785   2.412   9.113   1.00 35.00 ? 33  ILE A CA 1 
ATOM 31  C CA . PHE A 1 34  ? 1.056   2.778   9.709   1.00 35.00 ? 34  PHE A CA 1 
ATOM 32  C CA . THR A 1 35  ? -1.097  -0.317  10.502  1.00 35.00 ? 35  THR A CA 1 
ATOM 33  C CA . ASP A 1 36  ? -4.451  -1.686  11.703  1.00 35.00 ? 36  ASP A CA 1 
ATOM 34  C CA . LYS A 1 37  ? -7.075  -4.457  12.329  1.00 35.00 ? 37  LYS A CA 1 
ATOM 35  C CA . ARG A 1 45  ? -9.376  2.732   9.547   1.00 35.00 ? 45  ARG A CA 1 
ATOM 36  C CA . LYS A 1 46  ? -7.213  5.089   11.591  1.00 35.00 ? 46  LYS A CA 1 
ATOM 37  C CA . GLY A 1 47  ? -4.153  3.416   10.239  1.00 35.00 ? 47  GLY A CA 1 
ATOM 38  C CA . LEU A 1 48  ? -4.476  4.524   6.643   1.00 35.00 ? 48  LEU A CA 1 
ATOM 39  C CA . ASP A 1 49  ? -6.244  7.905   7.236   1.00 35.00 ? 49  ASP A CA 1 
ATOM 40  C CA . LEU A 1 50  ? -3.069  9.178   8.809   1.00 35.00 ? 50  LEU A CA 1 
ATOM 41  C CA . LEU A 1 51  ? -1.006  7.986   5.838   1.00 35.00 ? 51  LEU A CA 1 
ATOM 42  C CA . ARG A 1 52  ? -3.449  9.817   3.588   1.00 35.00 ? 52  ARG A CA 1 
ATOM 43  C CA . MET A 1 53  ? -2.329  12.953  5.546   1.00 35.00 ? 53  MET A CA 1 
ATOM 44  C CA . LYS A 1 54  ? 1.413   12.309  5.768   1.00 35.00 ? 54  LYS A CA 1 
ATOM 45  C CA . VAL A 1 55  ? 2.027   11.131  2.209   1.00 35.00 ? 55  VAL A CA 1 
ATOM 46  C CA . GLU A 1 56  ? 3.053   13.886  -0.218  1.00 35.00 ? 56  GLU A CA 1 
ATOM 47  C CA . GLU A 1 57  ? 3.101   13.859  -4.029  1.00 35.00 ? 57  GLU A CA 1 
ATOM 48  C CA . GLY A 1 58  ? 6.103   11.761  -5.262  1.00 35.00 ? 58  GLY A CA 1 
ATOM 49  C CA . ASP A 1 59  ? 6.393   8.861   -2.742  1.00 35.00 ? 59  ASP A CA 1 
ATOM 50  C CA . VAL A 1 60  ? 5.806   5.245   -2.139  1.00 35.00 ? 60  VAL A CA 1 
ATOM 51  C CA . ILE A 1 61  ? 3.750   3.247   0.238   1.00 35.00 ? 61  ILE A CA 1 
ATOM 52  C CA . LEU A 1 62  ? 5.406   -0.218  0.610   1.00 35.00 ? 62  LEU A CA 1 
ATOM 53  C CA . VAL A 1 63  ? 2.773   -2.792  1.386   1.00 35.00 ? 63  VAL A CA 1 
ATOM 54  C CA . LYS A 1 64  ? 3.554   -6.559  1.944   1.00 35.00 ? 64  LYS A CA 1 
ATOM 55  C CA . LYS A 1 65  ? 0.894   -8.522  -0.067  1.00 35.00 ? 65  LYS A CA 1 
ATOM 56  C CA . LEU A 1 66  ? -2.321  -7.491  -1.858  1.00 35.00 ? 66  LEU A CA 1 
ATOM 57  C CA . ASP A 1 67  ? -4.610  -8.554  1.018   1.00 35.00 ? 67  ASP A CA 1 
ATOM 58  C CA . ARG A 1 68  ? -3.043  -6.279  3.599   1.00 35.00 ? 68  ARG A CA 1 
ATOM 59  C CA . LEU A 1 69  ? -3.875  -3.217  1.483   1.00 35.00 ? 69  LEU A CA 1 
ATOM 60  C CA . GLY A 1 70  ? -7.422  -3.720  0.621   1.00 35.00 ? 70  GLY A CA 1 
ATOM 61  C CA . ARG A 1 71  ? -9.818  -5.883  2.334   1.00 35.00 ? 71  ARG A CA 1 
ATOM 62  C CA . ASP A 1 72  ? -10.735 -7.117  -1.124  1.00 35.00 ? 72  ASP A CA 1 
ATOM 63  C CA . THR A 1 73  ? -10.239 -6.488  -4.837  1.00 35.00 ? 73  THR A CA 1 
ATOM 64  C CA . ALA A 1 74  ? -12.733 -3.694  -4.881  1.00 35.00 ? 74  ALA A CA 1 
ATOM 65  C CA . ASP A 1 75  ? -11.180 -2.012  -1.808  1.00 35.00 ? 75  ASP A CA 1 
ATOM 66  C CA . MET A 1 76  ? -7.848  -2.414  -3.525  1.00 35.00 ? 76  MET A CA 1 
ATOM 67  C CA . ILE A 1 77  ? -8.953  -0.673  -6.734  1.00 35.00 ? 77  ILE A CA 1 
ATOM 68  C CA . GLN A 1 78  ? -10.457 2.205   -4.728  1.00 35.00 ? 78  GLN A CA 1 
ATOM 69  C CA . LEU A 1 79  ? -7.328  2.638   -2.716  1.00 35.00 ? 79  LEU A CA 1 
ATOM 70  C CA . ILE A 1 80  ? -4.921  2.311   -5.681  1.00 35.00 ? 80  ILE A CA 1 
ATOM 71  C CA . LYS A 1 81  ? -6.738  5.190   -7.416  1.00 35.00 ? 81  LYS A CA 1 
ATOM 72  C CA . GLU A 1 82  ? -6.773  7.369   -4.294  1.00 35.00 ? 82  GLU A CA 1 
ATOM 73  C CA . PHE A 1 83  ? -3.078  7.297   -3.721  1.00 35.00 ? 83  PHE A CA 1 
ATOM 74  C CA . ASP A 1 84  ? -2.667  7.281   -7.468  1.00 35.00 ? 84  ASP A CA 1 
ATOM 75  C CA . ALA A 1 85  ? -4.543  10.595  -7.196  1.00 35.00 ? 85  ALA A CA 1 
ATOM 76  C CA . GLN A 1 86  ? -1.986  11.924  -4.814  1.00 35.00 ? 86  GLN A CA 1 
ATOM 77  C CA . GLY A 1 87  ? 0.655   10.488  -7.104  1.00 35.00 ? 87  GLY A CA 1 
ATOM 78  C CA . VAL A 1 88  ? 1.715   7.872   -4.467  1.00 35.00 ? 88  VAL A CA 1 
ATOM 79  C CA . SER A 1 89  ? 2.820   4.584   -6.073  1.00 35.00 ? 89  SER A CA 1 
ATOM 80  C CA . ILE A 1 90  ? 1.808   1.435   -4.054  1.00 35.00 ? 90  ILE A CA 1 
ATOM 81  C CA . ARG A 1 91  ? 4.420   -1.366  -4.179  1.00 35.00 ? 91  ARG A CA 1 
ATOM 82  C CA . PHE A 1 92  ? 3.420   -4.790  -3.007  1.00 35.00 ? 92  PHE A CA 1 
ATOM 83  C CA . ILE A 1 93  ? 6.480   -6.331  -1.382  1.00 35.00 ? 93  ILE A CA 1 
ATOM 84  C CA . ASP A 1 94  ? 6.277   -10.028 -1.988  1.00 35.00 ? 94  ASP A CA 1 
ATOM 85  C CA . ASP A 1 95  ? 4.184   -10.147 -5.249  1.00 35.00 ? 95  ASP A CA 1 
ATOM 86  C CA . GLY A 1 96  ? 6.576   -7.966  -7.337  1.00 35.00 ? 96  GLY A CA 1 
ATOM 87  C CA . ILE A 1 97  ? 3.859   -5.733  -8.736  1.00 35.00 ? 97  ILE A CA 1 
ATOM 88  C CA . SER A 1 98  ? 3.778   -2.052  -8.095  1.00 35.00 ? 98  SER A CA 1 
ATOM 89  C CA . THR A 1 99  ? 1.297   0.616   -9.281  1.00 35.00 ? 99  THR A CA 1 
ATOM 90  C CA . ASP A 1 100 ? 4.016   2.628   -10.950 1.00 35.00 ? 100 ASP A CA 1 
ATOM 91  C CA . GLY A 1 101 ? 2.225   3.956   -13.945 1.00 35.00 ? 101 GLY A CA 1 
ATOM 92  C CA . GLU A 1 102 ? 2.769   1.915   -17.141 1.00 35.00 ? 102 GLU A CA 1 
ATOM 93  C CA . MET A 1 103 ? 3.362   -1.340  -15.240 1.00 35.00 ? 103 MET A CA 1 
ATOM 94  C CA . GLY A 1 104 ? 0.624   -0.217  -12.805 1.00 35.00 ? 104 GLY A CA 1 
ATOM 95  C CA . LYS A 1 105 ? -2.519  0.531   -14.839 1.00 35.00 ? 105 LYS A CA 1 
ATOM 96  C CA . MET A 1 106 ? -2.107  -3.034  -15.843 1.00 35.00 ? 106 MET A CA 1 
ATOM 97  C CA . VAL A 1 107 ? -2.639  -4.000  -12.156 1.00 35.00 ? 107 VAL A CA 1 
ATOM 98  C CA . VAL A 1 108 ? -5.871  -2.107  -12.044 1.00 35.00 ? 108 VAL A CA 1 
ATOM 99  C CA . THR A 1 109 ? -7.405  -3.666  -15.226 1.00 35.00 ? 109 THR A CA 1 
ATOM 100 C CA . ILE A 1 110 ? -7.129  -7.264  -14.032 1.00 35.00 ? 110 ILE A CA 1 
ATOM 101 C CA . LEU A 1 111 ? -8.240  -6.246  -10.571 1.00 35.00 ? 111 LEU A CA 1 
ATOM 102 C CA . SER A 1 112 ? -11.248 -4.584  -12.135 1.00 35.00 ? 112 SER A CA 1 
ATOM 103 C CA . ALA A 1 113 ? -12.248 -7.460  -14.303 1.00 35.00 ? 113 ALA A CA 1 
ATOM 104 C CA . VAL A 1 114 ? -11.606 -9.921  -11.506 1.00 35.00 ? 114 VAL A CA 1 
ATOM 105 C CA . ALA A 1 115 ? -14.763 -9.225  -9.485  1.00 35.00 ? 115 ALA A CA 1 
# 
